data_3IMJ
#
_entry.id   3IMJ
#
_cell.length_a   31.595
_cell.length_b   85.511
_cell.length_c   41.641
_cell.angle_alpha   90.000
_cell.angle_beta   98.470
_cell.angle_gamma   90.000
#
_symmetry.space_group_name_H-M   'P 1 21 1'
#
loop_
_entity.id
_entity.type
_entity.pdbx_description
1 polymer 'Growth factor receptor-bound protein 2'
2 non-polymer "(1R,2S,3R,1S',1S")Phosphoric acid mono(4-{2-[1-(1,2-dicarbamoylethylcarbamoyl)-3-carbamoylpropylcarbamoyl]-3-methylcarbamoylcyclopropyl}phenyl) ester"
3 water water
#
_entity_poly.entity_id   1
_entity_poly.type   'polypeptide(L)'
_entity_poly.pdbx_seq_one_letter_code
;IEMKPHPWFFGKIPRAKAEEMLSKQRHDGAFLIRESESAPGDFSLSVKFGNDVQHFKVLRDGAGKYFLWVVKFNSLNELV
DYHRSTSVSRNQQIFLRDIEQVPQQPTYVQAHHHHHH
;
_entity_poly.pdbx_strand_id   A,B
#
loop_
_chem_comp.id
_chem_comp.type
_chem_comp.name
_chem_comp.formula
AYI peptide-like '(1R,2S,3R,1S',1S")Phosphoric acid mono(4-{2-[1-(1,2-dicarbamoylethylcarbamoyl)-3-carbamoylpropylcarbamoyl]-3-methylcarbamoylcyclopropyl}phenyl) ester' 'C22 H32 N5 O9 P'
#
# COMPACT_ATOMS: atom_id res chain seq x y z
N MET A 3 13.72 4.26 -5.40
CA MET A 3 13.86 4.75 -4.00
C MET A 3 12.65 5.53 -3.52
N LYS A 4 12.55 5.68 -2.19
CA LYS A 4 11.47 6.40 -1.48
C LYS A 4 10.09 5.72 -1.52
N PRO A 5 9.53 5.38 -0.35
CA PRO A 5 8.20 4.76 -0.28
C PRO A 5 7.11 5.75 -0.65
N HIS A 6 5.97 5.23 -1.10
CA HIS A 6 4.83 6.07 -1.50
C HIS A 6 4.22 6.80 -0.30
N PRO A 7 4.12 8.14 -0.39
CA PRO A 7 3.55 8.95 0.71
C PRO A 7 2.03 8.89 0.82
N TRP A 8 1.40 7.98 0.06
CA TRP A 8 -0.04 7.85 0.07
C TRP A 8 -0.65 6.60 0.68
N PHE A 9 0.18 5.61 1.01
CA PHE A 9 -0.34 4.38 1.61
C PHE A 9 -0.27 4.48 3.12
N PHE A 10 -1.46 4.52 3.73
CA PHE A 10 -1.58 4.65 5.18
C PHE A 10 -2.05 3.38 5.89
N GLY A 11 -2.23 2.30 5.15
CA GLY A 11 -2.65 1.03 5.71
C GLY A 11 -4.04 1.06 6.30
N LYS A 12 -4.21 0.42 7.45
CA LYS A 12 -5.51 0.37 8.11
C LYS A 12 -5.87 1.62 8.92
N ILE A 13 -5.74 2.80 8.31
CA ILE A 13 -6.11 4.05 8.97
C ILE A 13 -7.63 4.14 8.85
N PRO A 14 -8.33 4.33 9.99
CA PRO A 14 -9.80 4.43 9.92
C PRO A 14 -10.30 5.60 9.06
N ARG A 15 -11.53 5.46 8.55
CA ARG A 15 -12.20 6.47 7.72
C ARG A 15 -12.24 7.85 8.39
N ALA A 16 -12.67 7.90 9.65
CA ALA A 16 -12.76 9.14 10.42
C ALA A 16 -11.40 9.76 10.70
N LYS A 17 -10.38 8.91 10.81
CA LYS A 17 -9.01 9.36 11.05
C LYS A 17 -8.38 9.92 9.78
N ALA A 18 -8.82 9.41 8.63
CA ALA A 18 -8.36 9.86 7.31
C ALA A 18 -8.97 11.25 7.09
N GLU A 19 -10.22 11.42 7.54
CA GLU A 19 -10.93 12.69 7.45
C GLU A 19 -10.25 13.78 8.26
N GLU A 20 -9.91 13.44 9.51
CA GLU A 20 -9.24 14.32 10.46
C GLU A 20 -7.87 14.80 9.97
N MET A 21 -7.07 13.87 9.44
CA MET A 21 -5.73 14.14 8.92
C MET A 21 -5.76 14.98 7.66
N LEU A 22 -6.61 14.59 6.70
CA LEU A 22 -6.74 15.28 5.42
C LEU A 22 -7.39 16.67 5.47
N SER A 23 -8.28 16.89 6.43
CA SER A 23 -8.95 18.19 6.61
C SER A 23 -7.92 19.27 7.01
N LYS A 24 -6.83 18.82 7.64
CA LYS A 24 -5.73 19.68 8.09
C LYS A 24 -4.75 19.99 6.96
N GLN A 25 -4.82 19.23 5.87
CA GLN A 25 -3.96 19.45 4.70
C GLN A 25 -4.39 20.74 4.01
N ARG A 26 -3.46 21.49 3.43
N ARG A 26 -3.41 21.42 3.45
CA ARG A 26 -3.85 22.74 2.77
CA ARG A 26 -3.58 22.71 2.78
C ARG A 26 -4.38 22.57 1.36
C ARG A 26 -4.21 22.65 1.39
N HIS A 27 -3.72 21.74 0.56
CA HIS A 27 -4.14 21.55 -0.82
C HIS A 27 -5.28 20.61 -1.13
N ASP A 28 -6.17 21.06 -2.02
CA ASP A 28 -7.31 20.27 -2.50
C ASP A 28 -6.68 19.15 -3.33
N GLY A 29 -7.15 17.92 -3.12
CA GLY A 29 -6.59 16.79 -3.84
C GLY A 29 -5.65 15.95 -3.00
N ALA A 30 -5.30 16.45 -1.80
CA ALA A 30 -4.42 15.72 -0.87
C ALA A 30 -5.18 14.44 -0.52
N PHE A 31 -4.52 13.31 -0.73
CA PHE A 31 -5.17 12.02 -0.55
C PHE A 31 -4.38 10.95 0.17
N LEU A 32 -5.04 9.80 0.30
CA LEU A 32 -4.46 8.61 0.88
C LEU A 32 -5.25 7.38 0.45
N ILE A 33 -4.57 6.25 0.42
CA ILE A 33 -5.19 4.97 0.13
C ILE A 33 -5.14 4.26 1.49
N ARG A 34 -6.27 3.70 1.87
CA ARG A 34 -6.37 3.00 3.13
C ARG A 34 -7.04 1.65 2.96
N GLU A 35 -6.83 0.78 3.94
CA GLU A 35 -7.43 -0.55 3.94
C GLU A 35 -8.70 -0.42 4.76
N SER A 36 -9.82 -0.71 4.10
CA SER A 36 -11.16 -0.60 4.67
C SER A 36 -11.43 -1.48 5.88
N GLU A 37 -12.27 -0.97 6.78
CA GLU A 37 -12.69 -1.67 7.98
C GLU A 37 -14.10 -2.22 7.76
N SER A 38 -14.87 -1.54 6.90
CA SER A 38 -16.25 -1.96 6.59
C SER A 38 -16.25 -3.13 5.59
N ALA A 39 -15.18 -3.21 4.79
CA ALA A 39 -15.02 -4.28 3.82
C ALA A 39 -13.56 -4.79 3.90
N PRO A 40 -13.30 -5.79 4.78
CA PRO A 40 -11.97 -6.38 4.96
C PRO A 40 -11.40 -6.98 3.69
N GLY A 41 -10.18 -6.54 3.35
CA GLY A 41 -9.51 -7.02 2.15
C GLY A 41 -9.59 -6.01 1.02
N ASP A 42 -10.40 -4.98 1.22
CA ASP A 42 -10.58 -3.93 0.20
C ASP A 42 -9.89 -2.63 0.58
N PHE A 43 -9.66 -1.80 -0.44
CA PHE A 43 -9.04 -0.50 -0.24
C PHE A 43 -10.06 0.59 -0.48
N SER A 44 -9.77 1.77 0.05
CA SER A 44 -10.62 2.94 -0.10
C SER A 44 -9.70 4.12 -0.35
N LEU A 45 -10.22 5.12 -1.06
CA LEU A 45 -9.47 6.33 -1.41
C LEU A 45 -10.18 7.49 -0.71
N SER A 46 -9.40 8.26 0.06
CA SER A 46 -9.92 9.43 0.80
C SER A 46 -9.20 10.66 0.25
N VAL A 47 -9.96 11.64 -0.20
CA VAL A 47 -9.41 12.85 -0.83
C VAL A 47 -9.98 14.13 -0.24
N LYS A 48 -9.12 15.11 -0.01
CA LYS A 48 -9.55 16.41 0.51
C LYS A 48 -10.05 17.27 -0.65
N PHE A 49 -11.15 17.97 -0.42
CA PHE A 49 -11.74 18.88 -1.41
C PHE A 49 -12.59 19.92 -0.68
N GLY A 50 -11.97 21.06 -0.39
CA GLY A 50 -12.66 22.13 0.32
C GLY A 50 -12.81 21.81 1.78
N ASN A 51 -14.05 21.90 2.28
CA ASN A 51 -14.37 21.63 3.68
C ASN A 51 -14.70 20.15 3.91
N ASP A 52 -14.67 19.35 2.83
CA ASP A 52 -14.98 17.92 2.90
C ASP A 52 -13.81 17.02 2.53
N VAL A 53 -13.91 15.78 3.01
CA VAL A 53 -12.97 14.72 2.70
C VAL A 53 -13.88 13.65 2.13
N GLN A 54 -13.76 13.47 0.82
CA GLN A 54 -14.56 12.53 0.05
C GLN A 54 -13.94 11.13 0.02
N HIS A 55 -14.81 10.13 0.13
CA HIS A 55 -14.39 8.74 0.12
C HIS A 55 -14.87 8.01 -1.12
N PHE A 56 -13.98 7.20 -1.68
CA PHE A 56 -14.22 6.40 -2.88
C PHE A 56 -13.86 4.95 -2.56
N LYS A 57 -14.65 4.01 -3.06
CA LYS A 57 -14.35 2.60 -2.84
C LYS A 57 -13.51 2.10 -4.02
N VAL A 58 -12.38 1.47 -3.72
CA VAL A 58 -11.53 0.90 -4.77
C VAL A 58 -12.10 -0.49 -5.04
N LEU A 59 -12.69 -0.63 -6.22
CA LEU A 59 -13.32 -1.87 -6.66
C LEU A 59 -12.29 -2.78 -7.33
N ARG A 60 -12.62 -4.07 -7.41
CA ARG A 60 -11.73 -5.07 -8.02
C ARG A 60 -12.57 -6.10 -8.80
N ASP A 61 -12.26 -6.27 -10.10
CA ASP A 61 -12.99 -7.23 -10.94
C ASP A 61 -12.49 -8.68 -10.82
N GLY A 62 -13.12 -9.59 -11.55
CA GLY A 62 -12.75 -11.00 -11.55
C GLY A 62 -11.35 -11.33 -12.06
N ALA A 63 -10.77 -10.40 -12.84
CA ALA A 63 -9.42 -10.55 -13.39
C ALA A 63 -8.38 -9.92 -12.44
N GLY A 64 -8.86 -9.42 -11.30
CA GLY A 64 -8.01 -8.80 -10.30
C GLY A 64 -7.61 -7.35 -10.53
N LYS A 65 -8.24 -6.70 -11.51
CA LYS A 65 -7.94 -5.30 -11.84
C LYS A 65 -8.70 -4.31 -10.96
N TYR A 66 -8.02 -3.24 -10.54
CA TYR A 66 -8.62 -2.21 -9.69
C TYR A 66 -9.28 -1.10 -10.51
N PHE A 67 -10.36 -0.53 -9.97
CA PHE A 67 -11.09 0.56 -10.62
C PHE A 67 -11.95 1.38 -9.66
N LEU A 68 -12.38 2.55 -10.14
CA LEU A 68 -13.25 3.43 -9.37
C LEU A 68 -14.54 3.61 -10.15
N TRP A 69 -14.41 3.73 -11.48
CA TRP A 69 -15.56 3.94 -12.37
C TRP A 69 -15.64 2.90 -13.48
N VAL A 70 -15.04 3.17 -14.65
CA VAL A 70 -15.06 2.23 -15.78
C VAL A 70 -13.67 1.73 -16.20
N VAL A 71 -12.70 2.65 -16.25
CA VAL A 71 -11.30 2.33 -16.63
C VAL A 71 -10.65 1.41 -15.60
N LYS A 72 -10.07 0.31 -16.09
CA LYS A 72 -9.42 -0.71 -15.26
C LYS A 72 -7.91 -0.51 -15.18
N PHE A 73 -7.34 -0.85 -14.02
CA PHE A 73 -5.90 -0.73 -13.76
C PHE A 73 -5.35 -2.01 -13.16
N ASN A 74 -4.11 -2.35 -13.54
CA ASN A 74 -3.43 -3.54 -13.05
C ASN A 74 -2.91 -3.42 -11.62
N SER A 75 -2.86 -2.18 -11.11
CA SER A 75 -2.37 -1.92 -9.76
C SER A 75 -2.96 -0.65 -9.14
N LEU A 76 -2.80 -0.53 -7.81
CA LEU A 76 -3.24 0.64 -7.04
C LEU A 76 -2.38 1.82 -7.45
N ASN A 77 -1.09 1.55 -7.72
CA ASN A 77 -0.09 2.54 -8.13
C ASN A 77 -0.49 3.23 -9.44
N GLU A 78 -1.00 2.45 -10.39
CA GLU A 78 -1.44 2.94 -11.70
C GLU A 78 -2.76 3.70 -11.59
N LEU A 79 -3.62 3.29 -10.66
CA LEU A 79 -4.91 3.93 -10.41
C LEU A 79 -4.67 5.32 -9.85
N VAL A 80 -3.79 5.39 -8.86
CA VAL A 80 -3.39 6.61 -8.18
C VAL A 80 -2.74 7.59 -9.17
N ASP A 81 -1.74 7.11 -9.92
CA ASP A 81 -1.02 7.92 -10.89
C ASP A 81 -1.87 8.51 -11.99
N TYR A 82 -2.81 7.72 -12.49
CA TYR A 82 -3.73 8.14 -13.55
C TYR A 82 -4.58 9.28 -13.03
N HIS A 83 -5.07 9.10 -11.81
CA HIS A 83 -5.92 10.07 -11.16
C HIS A 83 -5.28 11.37 -10.65
N ARG A 84 -4.00 11.54 -10.97
CA ARG A 84 -3.26 12.76 -10.63
C ARG A 84 -3.51 13.78 -11.74
N SER A 85 -3.99 13.31 -12.90
CA SER A 85 -4.27 14.17 -14.04
C SER A 85 -5.63 13.99 -14.69
N THR A 86 -6.42 13.05 -14.16
CA THR A 86 -7.78 12.81 -14.63
C THR A 86 -8.57 12.77 -13.33
N SER A 87 -9.67 13.53 -13.28
CA SER A 87 -10.50 13.62 -12.09
C SER A 87 -11.03 12.31 -11.49
N VAL A 88 -10.93 12.20 -10.16
CA VAL A 88 -11.44 11.03 -9.43
C VAL A 88 -12.95 11.06 -9.34
N SER A 89 -13.52 12.24 -9.57
CA SER A 89 -14.96 12.45 -9.50
C SER A 89 -15.53 12.81 -10.87
N ARG A 90 -16.80 12.45 -11.07
CA ARG A 90 -17.50 12.74 -12.32
C ARG A 90 -18.21 14.10 -12.24
N ASN A 91 -18.73 14.42 -11.06
CA ASN A 91 -19.46 15.66 -10.81
C ASN A 91 -18.57 16.88 -10.61
N GLN A 92 -17.37 16.66 -10.10
CA GLN A 92 -16.39 17.72 -9.82
C GLN A 92 -15.02 17.36 -10.39
N GLN A 93 -14.18 18.37 -10.60
CA GLN A 93 -12.83 18.17 -11.10
C GLN A 93 -11.85 18.14 -9.92
N ILE A 94 -11.59 16.93 -9.42
CA ILE A 94 -10.69 16.69 -8.28
C ILE A 94 -9.48 15.88 -8.73
N PHE A 95 -8.30 16.50 -8.63
CA PHE A 95 -7.05 15.87 -9.04
C PHE A 95 -6.22 15.50 -7.81
N LEU A 96 -5.72 14.25 -7.78
CA LEU A 96 -4.91 13.76 -6.68
C LEU A 96 -3.50 14.32 -6.63
N ARG A 97 -3.10 14.80 -5.45
CA ARG A 97 -1.74 15.30 -5.25
C ARG A 97 -1.27 14.86 -3.87
N ASP A 98 -0.01 14.43 -3.79
CA ASP A 98 0.59 13.96 -2.54
C ASP A 98 0.39 14.87 -1.33
N ILE A 99 0.22 14.25 -0.16
CA ILE A 99 0.04 14.98 1.09
C ILE A 99 1.33 15.76 1.41
N GLU A 100 1.18 16.91 2.07
CA GLU A 100 2.31 17.74 2.45
C GLU A 100 2.86 17.18 3.75
N GLN A 101 3.97 16.47 3.62
CA GLN A 101 4.65 15.84 4.74
C GLN A 101 5.94 16.59 5.08
N VAL A 102 6.32 16.50 6.35
CA VAL A 102 7.53 17.11 6.87
C VAL A 102 8.51 15.94 7.10
N PRO A 103 9.79 16.08 6.67
CA PRO A 103 10.76 14.99 6.87
C PRO A 103 11.05 14.67 8.35
N LYS B 4 3.48 9.35 9.39
CA LYS B 4 2.11 8.84 9.18
C LYS B 4 1.97 7.86 8.00
N PRO B 5 2.63 8.13 6.83
CA PRO B 5 2.49 7.15 5.74
C PRO B 5 3.44 6.00 6.06
N HIS B 6 3.06 4.78 5.70
CA HIS B 6 3.90 3.61 5.97
C HIS B 6 5.17 3.58 5.11
N PRO B 7 6.35 3.41 5.74
CA PRO B 7 7.62 3.36 5.00
C PRO B 7 7.90 2.06 4.23
N TRP B 8 6.90 1.19 4.16
CA TRP B 8 7.06 -0.09 3.49
C TRP B 8 6.31 -0.37 2.19
N PHE B 9 5.43 0.54 1.77
CA PHE B 9 4.70 0.33 0.52
C PHE B 9 5.38 1.06 -0.61
N PHE B 10 5.82 0.28 -1.60
CA PHE B 10 6.53 0.82 -2.75
C PHE B 10 5.79 0.72 -4.08
N GLY B 11 4.51 0.33 -4.03
CA GLY B 11 3.68 0.21 -5.22
C GLY B 11 4.16 -0.76 -6.27
N LYS B 12 4.06 -0.37 -7.55
CA LYS B 12 4.49 -1.25 -8.62
C LYS B 12 5.98 -1.11 -8.95
N ILE B 13 6.80 -1.33 -7.93
CA ILE B 13 8.25 -1.31 -8.05
C ILE B 13 8.63 -2.69 -8.61
N PRO B 14 9.45 -2.75 -9.69
CA PRO B 14 9.84 -4.06 -10.25
C PRO B 14 10.55 -4.95 -9.22
N ARG B 15 10.40 -6.27 -9.38
CA ARG B 15 11.01 -7.27 -8.50
C ARG B 15 12.53 -7.10 -8.38
N ALA B 16 13.19 -6.85 -9.52
CA ALA B 16 14.63 -6.65 -9.60
C ALA B 16 15.08 -5.35 -8.92
N LYS B 17 14.19 -4.36 -8.91
CA LYS B 17 14.43 -3.04 -8.29
C LYS B 17 14.35 -3.23 -6.77
N ALA B 18 13.39 -4.04 -6.32
CA ALA B 18 13.20 -4.35 -4.90
C ALA B 18 14.43 -5.10 -4.39
N GLU B 19 14.98 -5.96 -5.26
CA GLU B 19 16.18 -6.74 -4.96
C GLU B 19 17.43 -5.87 -4.83
N GLU B 20 17.58 -4.90 -5.74
CA GLU B 20 18.73 -3.98 -5.76
C GLU B 20 18.71 -3.12 -4.47
N MET B 21 17.54 -2.58 -4.15
CA MET B 21 17.32 -1.72 -3.00
C MET B 21 17.55 -2.44 -1.67
N LEU B 22 16.92 -3.61 -1.51
CA LEU B 22 17.03 -4.38 -0.29
C LEU B 22 18.38 -5.03 -0.04
N SER B 23 19.15 -5.29 -1.10
CA SER B 23 20.49 -5.86 -0.96
C SER B 23 21.48 -4.81 -0.41
N LYS B 24 21.09 -3.54 -0.50
CA LYS B 24 21.91 -2.42 -0.01
C LYS B 24 21.59 -2.06 1.45
N GLN B 25 20.56 -2.69 2.00
CA GLN B 25 20.16 -2.46 3.40
C GLN B 25 21.10 -3.23 4.32
N ARG B 26 21.31 -2.69 5.52
CA ARG B 26 22.21 -3.29 6.51
C ARG B 26 21.60 -4.44 7.31
N HIS B 27 20.40 -4.20 7.82
CA HIS B 27 19.69 -5.14 8.67
C HIS B 27 18.84 -6.23 8.03
N ASP B 28 18.94 -7.43 8.61
CA ASP B 28 18.16 -8.59 8.16
C ASP B 28 16.72 -8.30 8.58
N GLY B 29 15.77 -8.57 7.68
CA GLY B 29 14.39 -8.29 8.00
C GLY B 29 13.91 -7.02 7.32
N ALA B 30 14.83 -6.27 6.71
CA ALA B 30 14.52 -5.04 5.96
C ALA B 30 13.57 -5.48 4.85
N PHE B 31 12.42 -4.82 4.75
CA PHE B 31 11.41 -5.24 3.79
C PHE B 31 10.65 -4.15 3.06
N LEU B 32 9.78 -4.62 2.18
CA LEU B 32 8.90 -3.76 1.41
C LEU B 32 7.78 -4.61 0.84
N ILE B 33 6.62 -3.99 0.68
CA ILE B 33 5.47 -4.62 0.06
C ILE B 33 5.39 -3.95 -1.30
N ARG B 34 5.30 -4.77 -2.35
CA ARG B 34 5.19 -4.27 -3.70
C ARG B 34 4.01 -4.95 -4.37
N GLU B 35 3.50 -4.32 -5.43
CA GLU B 35 2.41 -4.89 -6.20
C GLU B 35 3.09 -5.84 -7.20
N SER B 36 2.66 -7.09 -7.14
CA SER B 36 3.19 -8.20 -7.93
C SER B 36 3.35 -8.04 -9.43
N GLU B 37 4.41 -8.65 -9.94
CA GLU B 37 4.74 -8.64 -11.36
C GLU B 37 4.04 -9.79 -12.08
N SER B 38 4.25 -11.00 -11.56
CA SER B 38 3.69 -12.23 -12.12
C SER B 38 2.18 -12.40 -11.92
N ALA B 39 1.66 -11.88 -10.81
CA ALA B 39 0.23 -11.97 -10.50
C ALA B 39 -0.40 -10.58 -10.35
N PRO B 40 -0.97 -10.02 -11.45
CA PRO B 40 -1.61 -8.70 -11.46
C PRO B 40 -2.74 -8.54 -10.46
N GLY B 41 -2.72 -7.42 -9.74
CA GLY B 41 -3.72 -7.14 -8.73
C GLY B 41 -3.40 -7.70 -7.35
N ASP B 42 -2.30 -8.44 -7.27
CA ASP B 42 -1.84 -9.04 -6.00
C ASP B 42 -0.62 -8.32 -5.45
N PHE B 43 -0.18 -8.72 -4.27
CA PHE B 43 0.97 -8.12 -3.61
C PHE B 43 2.07 -9.14 -3.34
N SER B 44 3.29 -8.63 -3.19
CA SER B 44 4.46 -9.44 -2.91
C SER B 44 5.28 -8.78 -1.81
N LEU B 45 5.88 -9.62 -0.97
CA LEU B 45 6.72 -9.18 0.14
C LEU B 45 8.16 -9.58 -0.16
N SER B 46 9.05 -8.60 -0.18
CA SER B 46 10.47 -8.84 -0.45
C SER B 46 11.22 -8.49 0.82
N VAL B 47 12.07 -9.41 1.29
CA VAL B 47 12.80 -9.22 2.55
C VAL B 47 14.29 -9.52 2.43
N LYS B 48 15.13 -8.67 3.04
CA LYS B 48 16.57 -8.93 3.03
C LYS B 48 16.98 -9.91 4.12
N PHE B 49 17.88 -10.82 3.75
CA PHE B 49 18.43 -11.81 4.68
C PHE B 49 19.82 -12.21 4.20
N GLY B 50 20.84 -11.63 4.84
CA GLY B 50 22.25 -11.89 4.56
C GLY B 50 22.66 -12.18 3.13
N ASN B 51 22.94 -11.14 2.36
CA ASN B 51 23.35 -11.19 0.94
C ASN B 51 22.31 -11.74 -0.06
N ASP B 52 21.12 -12.03 0.47
CA ASP B 52 20.00 -12.58 -0.31
C ASP B 52 18.74 -11.74 -0.03
N VAL B 53 17.83 -11.72 -1.01
CA VAL B 53 16.55 -11.03 -0.88
C VAL B 53 15.51 -12.11 -1.14
N GLN B 54 14.72 -12.41 -0.11
CA GLN B 54 13.68 -13.44 -0.21
C GLN B 54 12.34 -12.85 -0.61
N HIS B 55 11.66 -13.51 -1.55
CA HIS B 55 10.35 -13.07 -2.04
C HIS B 55 9.22 -13.97 -1.59
N PHE B 56 8.18 -13.34 -1.05
CA PHE B 56 6.98 -14.04 -0.58
C PHE B 56 5.78 -13.45 -1.29
N LYS B 57 4.86 -14.31 -1.72
CA LYS B 57 3.65 -13.81 -2.33
C LYS B 57 2.61 -13.63 -1.21
N VAL B 58 1.85 -12.55 -1.28
CA VAL B 58 0.81 -12.32 -0.28
C VAL B 58 -0.43 -13.00 -0.84
N LEU B 59 -0.71 -14.18 -0.29
CA LEU B 59 -1.84 -14.99 -0.72
C LEU B 59 -3.16 -14.47 -0.18
N ARG B 60 -4.22 -14.77 -0.92
CA ARG B 60 -5.58 -14.38 -0.57
C ARG B 60 -6.47 -15.60 -0.54
N ASP B 61 -7.44 -15.63 0.37
CA ASP B 61 -8.37 -16.74 0.44
C ASP B 61 -9.75 -16.30 -0.09
N GLY B 62 -10.74 -17.18 0.02
CA GLY B 62 -12.09 -16.89 -0.46
C GLY B 62 -12.85 -15.79 0.25
N ALA B 63 -12.42 -15.47 1.48
CA ALA B 63 -13.03 -14.42 2.29
C ALA B 63 -12.29 -13.09 2.14
N GLY B 64 -11.30 -13.05 1.25
CA GLY B 64 -10.52 -11.84 1.01
C GLY B 64 -9.42 -11.54 2.02
N LYS B 65 -9.05 -12.52 2.83
CA LYS B 65 -7.99 -12.36 3.84
C LYS B 65 -6.61 -12.37 3.17
N TYR B 66 -5.60 -11.92 3.90
CA TYR B 66 -4.23 -11.92 3.42
C TYR B 66 -3.46 -12.89 4.29
N PHE B 67 -2.50 -13.61 3.69
CA PHE B 67 -1.65 -14.56 4.42
C PHE B 67 -0.38 -14.96 3.68
N LEU B 68 0.62 -15.39 4.45
CA LEU B 68 1.89 -15.87 3.92
C LEU B 68 1.95 -17.38 4.05
N TRP B 69 1.50 -17.90 5.21
CA TRP B 69 1.49 -19.33 5.49
C TRP B 69 0.12 -19.88 5.92
N VAL B 70 -0.22 -19.78 7.22
CA VAL B 70 -1.50 -20.29 7.74
C VAL B 70 -2.38 -19.20 8.39
N VAL B 71 -1.80 -18.40 9.27
CA VAL B 71 -2.52 -17.31 9.97
C VAL B 71 -3.06 -16.26 8.98
N LYS B 72 -4.36 -15.99 9.06
CA LYS B 72 -5.07 -15.04 8.19
C LYS B 72 -5.16 -13.65 8.80
N PHE B 73 -5.11 -12.62 7.93
CA PHE B 73 -5.19 -11.21 8.35
C PHE B 73 -6.20 -10.42 7.54
N ASN B 74 -6.79 -9.41 8.17
CA ASN B 74 -7.79 -8.55 7.52
C ASN B 74 -7.21 -7.43 6.66
N SER B 75 -5.91 -7.19 6.77
CA SER B 75 -5.24 -6.14 6.00
C SER B 75 -3.74 -6.43 5.82
N LEU B 76 -3.11 -5.75 4.86
CA LEU B 76 -1.66 -5.86 4.63
C LEU B 76 -0.94 -5.28 5.86
N ASN B 77 -1.57 -4.28 6.48
CA ASN B 77 -1.06 -3.60 7.69
C ASN B 77 -0.89 -4.57 8.85
N GLU B 78 -1.91 -5.41 9.06
CA GLU B 78 -1.89 -6.40 10.15
C GLU B 78 -0.92 -7.53 9.90
N LEU B 79 -0.76 -7.91 8.63
CA LEU B 79 0.16 -8.97 8.21
C LEU B 79 1.59 -8.52 8.53
N VAL B 80 1.90 -7.30 8.11
CA VAL B 80 3.20 -6.66 8.31
C VAL B 80 3.56 -6.53 9.79
N ASP B 81 2.64 -6.00 10.59
CA ASP B 81 2.86 -5.79 12.02
C ASP B 81 2.98 -7.06 12.85
N TYR B 82 2.25 -8.11 12.45
CA TYR B 82 2.30 -9.41 13.14
C TYR B 82 3.69 -10.00 12.92
N HIS B 83 4.19 -9.84 11.70
CA HIS B 83 5.48 -10.35 11.31
C HIS B 83 6.72 -9.57 11.77
N ARG B 84 6.48 -8.55 12.58
CA ARG B 84 7.56 -7.76 13.17
C ARG B 84 8.03 -8.50 14.43
N SER B 85 7.18 -9.43 14.89
CA SER B 85 7.47 -10.24 16.07
C SER B 85 7.46 -11.73 15.80
N THR B 86 6.78 -12.14 14.73
CA THR B 86 6.71 -13.55 14.35
C THR B 86 7.47 -13.68 13.04
N SER B 87 8.30 -14.70 12.92
CA SER B 87 9.10 -14.92 11.72
C SER B 87 8.29 -15.17 10.45
N VAL B 88 8.77 -14.62 9.33
CA VAL B 88 8.12 -14.81 8.02
C VAL B 88 8.64 -16.10 7.40
N SER B 89 9.72 -16.60 7.98
CA SER B 89 10.38 -17.82 7.55
C SER B 89 10.15 -18.99 8.48
N ARG B 90 9.97 -20.16 7.87
CA ARG B 90 9.78 -21.41 8.60
C ARG B 90 11.17 -22.01 8.83
N ASN B 91 12.16 -21.43 8.12
CA ASN B 91 13.55 -21.86 8.18
C ASN B 91 14.37 -21.15 9.24
N GLN B 92 14.46 -19.82 9.13
CA GLN B 92 15.22 -18.98 10.06
C GLN B 92 14.31 -17.97 10.77
N GLN B 93 14.90 -17.25 11.73
CA GLN B 93 14.19 -16.21 12.47
C GLN B 93 14.37 -14.89 11.69
N ILE B 94 13.38 -14.57 10.86
CA ILE B 94 13.41 -13.35 10.05
C ILE B 94 12.21 -12.46 10.43
N PHE B 95 12.49 -11.44 11.22
CA PHE B 95 11.47 -10.51 11.68
C PHE B 95 11.52 -9.24 10.83
N LEU B 96 10.35 -8.77 10.44
CA LEU B 96 10.23 -7.58 9.61
C LEU B 96 10.64 -6.29 10.32
N ARG B 97 11.52 -5.55 9.66
CA ARG B 97 12.04 -4.29 10.17
C ARG B 97 11.97 -3.27 9.06
N ASP B 98 11.50 -2.07 9.37
CA ASP B 98 11.37 -0.98 8.39
C ASP B 98 12.68 -0.65 7.70
N ILE B 99 12.59 -0.33 6.40
CA ILE B 99 13.75 0.08 5.62
C ILE B 99 14.29 1.40 6.15
N GLU B 100 15.59 1.61 6.02
CA GLU B 100 16.19 2.85 6.48
C GLU B 100 16.92 3.50 5.31
N GLN B 101 16.66 4.80 5.11
CA GLN B 101 17.30 5.55 4.04
C GLN B 101 18.65 6.03 4.61
N VAL B 102 18.66 7.26 5.14
CA VAL B 102 19.83 7.94 5.76
C VAL B 102 21.17 7.69 5.00
N PRO B 103 21.66 8.66 4.18
CA PRO B 103 21.31 10.02 3.71
C PRO B 103 19.85 10.46 3.49
CAB AYI C . -20.85 6.05 3.44
OAH AYI C . -18.89 6.89 1.75
OAJ AYI C . -20.43 7.17 -2.94
OAK AYI C . -16.42 2.20 4.37
OAL AYI C . -13.87 2.10 4.21
OAM AYI C . -15.08 4.35 3.94
CAN AYI C . -15.78 4.22 0.50
CAO AYI C . -17.52 3.02 1.64
CAP AYI C . -16.73 4.87 -0.27
CAQ AYI C . -18.47 3.67 0.87
NAT AYI C . -20.93 5.92 1.97
OAW AYI C . -15.22 2.54 2.09
CAZ AYI C . -19.91 6.39 1.26
CBB AYI C . -19.36 7.47 -2.41
CBC AYI C . -16.17 3.29 1.46
CBD AYI C . -18.08 4.60 -0.09
CBH AYI C . -20.07 6.27 -0.26
CBI AYI C . -18.92 6.83 -1.10
CBJ AYI C . -19.11 5.31 -0.97
PBK AYI C . -15.23 2.77 3.69
CAA AYI C . -18.48 11.83 -2.97
OAI AYI C . -19.93 8.49 -6.16
CAR AYI C . -17.28 10.95 -3.31
CAC AYI C . -17.88 10.83 -5.75
NAV AYI C . -18.50 8.35 -2.92
CBA AYI C . -19.05 8.19 -5.35
CBE AYI C . -17.59 10.02 -4.48
CBG AYI C . -18.78 9.10 -4.15
C AYI C . -19.36 5.00 -6.16
N AYI C . -18.29 7.10 -5.46
O AYI C . -19.40 3.97 -6.83
CA AYI C . -18.49 6.18 -6.58
CB AYI C . -17.14 5.67 -7.10
CG AYI C . -16.40 4.83 -6.07
NAE AYI C . -20.06 5.20 -5.05
OD1 AYI C . -16.49 5.08 -4.86
ND2 AYI C . -15.66 3.85 -6.56
CAB AYI D . 10.72 -16.84 -8.59
OAH AYI D . 10.27 -15.99 -6.05
OAJ AYI D . 8.57 -19.61 -3.07
OAK AYI D . 6.27 -12.16 -9.29
OAL AYI D . 5.82 -10.17 -7.75
OAM AYI D . 7.95 -11.58 -7.45
CAN AYI D . 6.63 -13.80 -5.06
CAO AYI D . 6.45 -14.71 -7.28
CAP AYI D . 7.12 -15.01 -4.60
CAQ AYI D . 6.93 -15.93 -6.80
NAT AYI D . 9.98 -17.63 -7.58
OAW AYI D . 5.63 -12.52 -6.80
CAZ AYI D . 9.82 -17.09 -6.37
CBB AYI D . 8.95 -18.45 -2.86
CBC AYI D . 6.29 -13.64 -6.41
CBD AYI D . 7.26 -16.08 -5.46
CBH AYI D . 9.06 -17.97 -5.38
CBI AYI D . 8.90 -17.40 -3.97
CBJ AYI D . 7.70 -17.44 -4.91
PBK AYI D . 6.42 -11.67 -7.90
CAA AYI D . 12.42 -18.12 0.30
OAI AYI D . 8.39 -20.89 0.00
CAR AYI D . 11.20 -17.22 0.48
CAC AYI D . 10.09 -18.92 1.94
NAV AYI D . 9.42 -18.02 -1.70
CBA AYI D . 8.32 -19.69 -0.24
CBE AYI D . 9.93 -18.03 0.71
CBG AYI D . 9.59 -18.88 -0.52
C AYI D . 5.14 -19.95 -1.30
N AYI D . 7.18 -19.00 -0.26
O AYI D . 3.92 -19.96 -1.34
CA AYI D . 5.89 -19.67 0.01
CB AYI D . 5.03 -18.79 0.92
CG AYI D . 4.74 -17.43 0.29
NAE AYI D . 5.93 -20.22 -2.35
OD1 AYI D . 5.40 -17.01 -0.66
ND2 AYI D . 3.74 -16.76 0.85
#